data_7TND
#
_entry.id   7TND
#
_cell.length_a   44.074
_cell.length_b   51.279
_cell.length_c   78.953
_cell.angle_alpha   90.000
_cell.angle_beta   92.190
_cell.angle_gamma   90.000
#
_symmetry.space_group_name_H-M   'P 1 21 1'
#
loop_
_entity.id
_entity.type
_entity.pdbx_description
1 polymer 'Cytochrome P450'
2 non-polymer 'PROTOPORPHYRIN IX CONTAINING FE'
3 non-polymer '4-phenoxybenzoic acid'
4 non-polymer 'CHLORIDE ION'
5 water water
#
_entity_poly.entity_id   1
_entity_poly.type   'polypeptide(L)'
_entity_poly.pdbx_seq_one_letter_code
;MISNSSAESISAPPNDSTIPHLAIDPFSLDFFDDPYPDQQTLRDAGPVVYLDKWNVYGVARYAEVHAVLNDPTTFCSSRG
VGLSDFKKEKPWRPPSLILEADPPAHTRPRAVLSKVLSPATMKTIRDGFAAAADAKVDELLQRGCIDAIADLAEAYPLSV
FPDAMGLKQEGREHLLPYAGLVFNAFGPPNELRQTAIERSAPHQAYVNEQCQRPNLAPGGFGACIHAFTDTGEITPDEAP
LLVRSLLSAGLDTTVNGIGAAVYCLARFPGELQRLRSDPTLARNAFEEAVRFESPVQTFFRTTTREVELGGAVIGEGEKV
LMFLGSANRDPRRWSDPDLYDITRKTSGHVGFGSGVHMCVGQLVARLEGEVMLSALARKVAAIDIDGPVKRRFNNTLRGL
ESLPVKLTPA
;
_entity_poly.pdbx_strand_id   A
#
loop_
_chem_comp.id
_chem_comp.type
_chem_comp.name
_chem_comp.formula
CL non-polymer 'CHLORIDE ION' 'Cl -1'
HEM non-polymer 'PROTOPORPHYRIN IX CONTAINING FE' 'C34 H32 Fe N4 O4'
JO4 non-polymer '4-phenoxybenzoic acid' 'C13 H10 O3'
#
# COMPACT_ATOMS: atom_id res chain seq x y z
N THR A 18 -31.42 -3.76 12.08
CA THR A 18 -31.29 -3.07 10.79
C THR A 18 -29.96 -3.41 10.13
N ILE A 19 -28.88 -3.32 10.91
CA ILE A 19 -27.55 -3.62 10.42
C ILE A 19 -27.22 -5.08 10.73
N PRO A 20 -26.84 -5.88 9.73
CA PRO A 20 -26.48 -7.27 10.01
C PRO A 20 -25.20 -7.35 10.81
N HIS A 21 -25.18 -8.27 11.78
CA HIS A 21 -24.01 -8.54 12.60
C HIS A 21 -23.35 -9.82 12.11
N LEU A 22 -22.08 -9.72 11.76
CA LEU A 22 -21.32 -10.88 11.29
C LEU A 22 -20.16 -11.15 12.22
N ALA A 23 -19.84 -12.43 12.39
CA ALA A 23 -18.74 -12.87 13.23
C ALA A 23 -17.43 -12.99 12.47
N ILE A 24 -17.40 -12.63 11.19
CA ILE A 24 -16.18 -12.72 10.41
C ILE A 24 -15.10 -11.85 11.02
N ASP A 25 -13.92 -12.43 11.23
CA ASP A 25 -12.77 -11.71 11.74
C ASP A 25 -11.87 -11.34 10.57
N PRO A 26 -11.87 -10.09 10.10
CA PRO A 26 -11.04 -9.73 8.94
C PRO A 26 -9.56 -9.63 9.30
N PHE A 27 -9.20 -10.01 10.52
CA PHE A 27 -7.81 -9.99 10.97
C PHE A 27 -7.38 -11.36 11.46
N SER A 28 -8.01 -12.41 10.95
CA SER A 28 -7.65 -13.79 11.26
C SER A 28 -6.83 -14.37 10.10
N LEU A 29 -6.02 -15.38 10.42
CA LEU A 29 -5.19 -16.00 9.41
C LEU A 29 -6.02 -16.68 8.32
N ASP A 30 -7.17 -17.25 8.69
CA ASP A 30 -8.03 -17.84 7.67
C ASP A 30 -8.59 -16.79 6.72
N PHE A 31 -8.84 -15.57 7.22
CA PHE A 31 -9.29 -14.50 6.33
C PHE A 31 -8.16 -14.06 5.42
N PHE A 32 -6.96 -13.88 5.96
CA PHE A 32 -5.81 -13.54 5.13
C PHE A 32 -5.56 -14.59 4.07
N ASP A 33 -5.75 -15.88 4.41
CA ASP A 33 -5.45 -16.95 3.48
C ASP A 33 -6.34 -16.89 2.24
N ASP A 34 -7.61 -16.56 2.42
CA ASP A 34 -8.55 -16.50 1.31
C ASP A 34 -9.70 -15.57 1.68
N PRO A 35 -9.54 -14.25 1.48
CA PRO A 35 -10.56 -13.31 1.95
C PRO A 35 -11.75 -13.16 1.01
N TYR A 36 -11.63 -13.62 -0.24
CA TYR A 36 -12.65 -13.29 -1.24
C TYR A 36 -14.03 -13.84 -0.90
N PRO A 37 -14.18 -15.09 -0.45
CA PRO A 37 -15.54 -15.55 -0.06
C PRO A 37 -16.15 -14.70 1.03
N ASP A 38 -15.45 -14.52 2.15
CA ASP A 38 -15.97 -13.68 3.23
C ASP A 38 -16.23 -12.26 2.74
N GLN A 39 -15.47 -11.78 1.76
CA GLN A 39 -15.70 -10.43 1.27
C GLN A 39 -17.01 -10.34 0.48
N GLN A 40 -17.36 -11.39 -0.27
CA GLN A 40 -18.69 -11.42 -0.86
C GLN A 40 -19.76 -11.49 0.21
N THR A 41 -19.57 -12.34 1.22
CA THR A 41 -20.50 -12.39 2.34
C THR A 41 -20.70 -11.01 2.94
N LEU A 42 -19.61 -10.24 3.10
CA LEU A 42 -19.73 -8.90 3.66
C LEU A 42 -20.46 -7.96 2.70
N ARG A 43 -20.13 -8.01 1.42
CA ARG A 43 -20.78 -7.14 0.44
C ARG A 43 -22.27 -7.44 0.35
N ASP A 44 -22.64 -8.71 0.32
CA ASP A 44 -24.03 -9.09 0.07
C ASP A 44 -24.89 -9.01 1.32
N ALA A 45 -24.29 -8.99 2.51
CA ALA A 45 -25.08 -8.83 3.72
C ALA A 45 -25.76 -7.47 3.79
N GLY A 46 -25.16 -6.45 3.18
CA GLY A 46 -25.69 -5.11 3.20
C GLY A 46 -24.61 -4.07 2.97
N PRO A 47 -25.02 -2.83 2.70
CA PRO A 47 -24.01 -1.77 2.51
C PRO A 47 -23.22 -1.47 3.76
N VAL A 48 -23.78 -1.72 4.94
CA VAL A 48 -23.10 -1.48 6.21
C VAL A 48 -23.36 -2.65 7.13
N VAL A 49 -22.30 -3.29 7.62
CA VAL A 49 -22.40 -4.40 8.55
C VAL A 49 -21.74 -4.00 9.86
N TYR A 50 -21.99 -4.80 10.89
CA TYR A 50 -21.33 -4.65 12.19
C TYR A 50 -20.56 -5.93 12.47
N LEU A 51 -19.28 -5.78 12.79
CA LEU A 51 -18.39 -6.92 13.04
C LEU A 51 -18.28 -7.10 14.56
N ASP A 52 -19.03 -8.06 15.09
CA ASP A 52 -19.06 -8.29 16.53
C ASP A 52 -17.68 -8.63 17.08
N LYS A 53 -16.81 -9.22 16.25
CA LYS A 53 -15.51 -9.63 16.73
C LYS A 53 -14.72 -8.46 17.31
N TRP A 54 -14.83 -7.28 16.69
CA TRP A 54 -14.03 -6.13 17.09
C TRP A 54 -14.85 -4.89 17.39
N ASN A 55 -16.19 -4.98 17.38
CA ASN A 55 -17.05 -3.83 17.68
C ASN A 55 -16.73 -2.66 16.76
N VAL A 56 -16.75 -2.91 15.46
CA VAL A 56 -16.52 -1.89 14.45
C VAL A 56 -17.50 -2.11 13.29
N TYR A 57 -17.88 -1.01 12.66
CA TYR A 57 -18.70 -1.09 11.46
C TYR A 57 -17.86 -1.45 10.25
N GLY A 58 -18.49 -2.09 9.28
CA GLY A 58 -17.79 -2.52 8.08
C GLY A 58 -18.55 -2.17 6.82
N VAL A 59 -17.80 -1.76 5.80
CA VAL A 59 -18.34 -1.45 4.49
C VAL A 59 -17.45 -2.13 3.45
N ALA A 60 -18.04 -3.03 2.66
CA ALA A 60 -17.28 -3.83 1.71
C ALA A 60 -17.58 -3.52 0.24
N ARG A 61 -18.66 -2.79 -0.04
CA ARG A 61 -19.01 -2.47 -1.41
C ARG A 61 -18.25 -1.23 -1.88
N TYR A 62 -18.04 -1.13 -3.19
CA TYR A 62 -17.32 0.00 -3.74
C TYR A 62 -18.02 1.31 -3.39
N ALA A 63 -19.34 1.33 -3.45
CA ALA A 63 -20.08 2.58 -3.25
C ALA A 63 -19.80 3.17 -1.87
N GLU A 64 -19.94 2.36 -0.82
CA GLU A 64 -19.78 2.88 0.54
C GLU A 64 -18.31 3.16 0.85
N VAL A 65 -17.40 2.32 0.36
CA VAL A 65 -15.97 2.56 0.55
C VAL A 65 -15.60 3.91 -0.05
N HIS A 66 -16.04 4.16 -1.29
CA HIS A 66 -15.72 5.41 -1.96
C HIS A 66 -16.36 6.60 -1.24
N ALA A 67 -17.59 6.43 -0.76
CA ALA A 67 -18.26 7.51 -0.04
C ALA A 67 -17.50 7.87 1.23
N VAL A 68 -17.12 6.86 2.02
CA VAL A 68 -16.43 7.12 3.29
C VAL A 68 -15.11 7.84 3.03
N LEU A 69 -14.35 7.37 2.05
CA LEU A 69 -13.05 7.97 1.76
C LEU A 69 -13.18 9.43 1.35
N ASN A 70 -14.29 9.80 0.71
CA ASN A 70 -14.47 11.14 0.18
C ASN A 70 -15.31 12.03 1.08
N ASP A 71 -15.57 11.61 2.32
CA ASP A 71 -16.20 12.45 3.34
C ASP A 71 -15.25 12.51 4.53
N PRO A 72 -14.14 13.24 4.40
CA PRO A 72 -13.16 13.28 5.50
C PRO A 72 -13.64 14.00 6.74
N THR A 73 -14.65 14.87 6.61
CA THR A 73 -15.14 15.59 7.79
C THR A 73 -15.96 14.67 8.68
N THR A 74 -16.76 13.78 8.08
CA THR A 74 -17.56 12.84 8.87
C THR A 74 -16.74 11.63 9.30
N PHE A 75 -15.89 11.12 8.40
CA PHE A 75 -15.06 9.94 8.66
C PHE A 75 -13.60 10.42 8.73
N CYS A 76 -13.19 10.87 9.91
CA CYS A 76 -11.90 11.50 10.07
C CYS A 76 -10.78 10.48 10.14
N SER A 77 -9.55 10.97 9.95
CA SER A 77 -8.35 10.16 10.10
C SER A 77 -7.52 10.55 11.32
N SER A 78 -7.83 11.69 11.95
CA SER A 78 -7.03 12.16 13.08
C SER A 78 -7.16 11.26 14.30
N ARG A 79 -8.23 10.49 14.41
CA ARG A 79 -8.39 9.53 15.50
C ARG A 79 -7.84 8.15 15.13
N GLY A 80 -6.97 8.08 14.12
CA GLY A 80 -6.34 6.84 13.73
C GLY A 80 -7.02 6.17 12.55
N VAL A 81 -6.25 5.58 11.64
CA VAL A 81 -6.80 4.79 10.55
C VAL A 81 -6.68 3.30 10.84
N GLY A 82 -6.25 2.94 12.06
CA GLY A 82 -6.33 1.57 12.53
C GLY A 82 -7.51 1.38 13.47
N LEU A 83 -7.53 0.21 14.11
CA LEU A 83 -8.61 -0.07 15.06
C LEU A 83 -8.55 0.87 16.24
N SER A 84 -7.35 1.16 16.74
CA SER A 84 -7.20 1.98 17.93
C SER A 84 -7.74 3.39 17.68
N ASP A 85 -8.54 3.87 18.63
CA ASP A 85 -9.08 5.22 18.58
C ASP A 85 -8.14 6.12 19.37
N PHE A 86 -7.42 7.00 18.65
CA PHE A 86 -6.44 7.87 19.30
C PHE A 86 -7.05 8.70 20.43
N LYS A 87 -8.37 8.94 20.39
CA LYS A 87 -9.03 9.66 21.47
C LYS A 87 -9.20 8.80 22.71
N LYS A 88 -9.04 7.48 22.60
CA LYS A 88 -9.20 6.57 23.73
C LYS A 88 -7.91 5.89 24.16
N GLU A 89 -7.00 5.65 23.22
CA GLU A 89 -5.72 5.02 23.51
C GLU A 89 -4.59 5.89 22.98
N LYS A 90 -3.40 5.64 23.49
CA LYS A 90 -2.21 6.36 23.04
C LYS A 90 -1.65 5.70 21.78
N PRO A 91 -1.33 6.45 20.74
CA PRO A 91 -0.72 5.84 19.55
C PRO A 91 0.64 5.24 19.89
N TRP A 92 0.91 4.07 19.30
CA TRP A 92 2.18 3.39 19.56
C TRP A 92 3.39 4.23 19.16
N ARG A 93 3.18 5.27 18.36
CA ARG A 93 4.23 6.21 17.97
C ARG A 93 3.58 7.57 17.76
N PRO A 94 4.36 8.64 17.79
CA PRO A 94 3.79 9.98 17.53
C PRO A 94 2.97 9.96 16.26
N PRO A 95 1.77 10.54 16.30
CA PRO A 95 0.87 10.44 15.14
C PRO A 95 1.51 11.02 13.89
N SER A 96 1.21 10.38 12.75
CA SER A 96 1.66 10.91 11.47
C SER A 96 1.04 12.28 11.22
N LEU A 97 1.83 13.20 10.68
CA LEU A 97 1.36 14.54 10.42
C LEU A 97 0.50 14.65 9.17
N ILE A 98 0.42 13.59 8.36
CA ILE A 98 -0.38 13.57 7.14
C ILE A 98 -1.41 12.45 7.16
N LEU A 99 -0.98 11.22 7.44
CA LEU A 99 -1.90 10.09 7.43
C LEU A 99 -2.94 10.22 8.53
N GLU A 100 -2.52 10.60 9.73
CA GLU A 100 -3.38 10.66 10.90
C GLU A 100 -3.75 12.08 11.26
N ALA A 101 -4.04 12.89 10.24
CA ALA A 101 -4.45 14.28 10.42
C ALA A 101 -5.58 14.59 9.46
N ASP A 102 -6.43 15.53 9.84
CA ASP A 102 -7.54 15.99 9.04
C ASP A 102 -7.29 17.40 8.53
N PRO A 103 -7.96 17.81 7.46
CA PRO A 103 -7.91 19.22 7.05
C PRO A 103 -8.40 20.10 8.19
N PRO A 104 -7.80 21.28 8.40
CA PRO A 104 -6.73 21.87 7.58
C PRO A 104 -5.31 21.47 8.00
N ALA A 105 -5.16 20.82 9.16
CA ALA A 105 -3.82 20.42 9.60
C ALA A 105 -3.15 19.51 8.57
N HIS A 106 -3.95 18.77 7.80
CA HIS A 106 -3.40 17.83 6.84
C HIS A 106 -2.92 18.53 5.57
N THR A 107 -3.46 19.71 5.28
CA THR A 107 -3.34 20.30 3.95
C THR A 107 -1.90 20.64 3.60
N ARG A 108 -1.20 21.34 4.49
CA ARG A 108 0.11 21.84 4.11
C ARG A 108 1.17 20.74 4.10
N PRO A 109 1.19 19.84 5.09
CA PRO A 109 2.07 18.68 4.97
C PRO A 109 1.76 17.82 3.75
N ARG A 110 0.49 17.75 3.35
CA ARG A 110 0.12 17.03 2.14
C ARG A 110 0.71 17.70 0.91
N ALA A 111 0.68 19.03 0.85
CA ALA A 111 1.19 19.73 -0.32
C ALA A 111 2.70 19.61 -0.44
N VAL A 112 3.41 19.52 0.68
CA VAL A 112 4.87 19.37 0.64
C VAL A 112 5.23 18.02 0.04
N LEU A 113 4.72 16.93 0.63
CA LEU A 113 4.96 15.61 0.07
C LEU A 113 4.48 15.53 -1.37
N SER A 114 3.41 16.24 -1.71
CA SER A 114 2.94 16.26 -3.09
C SER A 114 3.99 16.87 -4.01
N LYS A 115 4.69 17.91 -3.55
CA LYS A 115 5.72 18.54 -4.36
C LYS A 115 7.01 17.73 -4.36
N VAL A 116 7.36 17.12 -3.22
CA VAL A 116 8.54 16.28 -3.17
C VAL A 116 8.41 15.10 -4.12
N LEU A 117 7.23 14.49 -4.16
CA LEU A 117 6.95 13.33 -5.01
C LEU A 117 6.13 13.73 -6.23
N SER A 118 6.53 14.82 -6.88
CA SER A 118 5.73 15.45 -7.92
C SER A 118 6.05 14.85 -9.28
N PRO A 119 5.25 15.18 -10.29
CA PRO A 119 5.60 14.78 -11.66
C PRO A 119 6.99 15.26 -12.07
N ALA A 120 7.33 16.50 -11.74
CA ALA A 120 8.67 16.99 -12.05
C ALA A 120 9.75 16.14 -11.38
N THR A 121 9.49 15.70 -10.15
CA THR A 121 10.45 14.86 -9.45
C THR A 121 10.63 13.51 -10.12
N MET A 122 9.55 12.96 -10.70
CA MET A 122 9.66 11.67 -11.36
C MET A 122 10.65 11.70 -12.52
N LYS A 123 10.76 12.84 -13.19
CA LYS A 123 11.65 12.94 -14.35
C LYS A 123 13.12 12.81 -13.93
N THR A 124 13.45 13.20 -12.70
CA THR A 124 14.84 13.15 -12.26
C THR A 124 15.30 11.75 -11.88
N ILE A 125 14.37 10.84 -11.59
CA ILE A 125 14.72 9.51 -11.11
C ILE A 125 14.33 8.40 -12.07
N ARG A 126 13.57 8.69 -13.13
CA ARG A 126 13.05 7.62 -13.97
C ARG A 126 14.17 6.81 -14.61
N ASP A 127 15.16 7.50 -15.20
CA ASP A 127 16.25 6.80 -15.88
C ASP A 127 16.94 5.81 -14.94
N GLY A 128 17.24 6.24 -13.72
CA GLY A 128 17.90 5.35 -12.78
C GLY A 128 16.99 4.23 -12.30
N PHE A 129 15.71 4.52 -12.12
CA PHE A 129 14.75 3.48 -11.75
C PHE A 129 14.59 2.46 -12.88
N ALA A 130 14.50 2.93 -14.12
CA ALA A 130 14.34 2.00 -15.25
C ALA A 130 15.59 1.16 -15.46
N ALA A 131 16.77 1.79 -15.42
CA ALA A 131 18.00 1.03 -15.57
C ALA A 131 18.14 -0.02 -14.48
N ALA A 132 17.79 0.33 -13.24
CA ALA A 132 17.88 -0.63 -12.14
C ALA A 132 16.93 -1.81 -12.38
N ALA A 133 15.76 -1.54 -12.94
CA ALA A 133 14.80 -2.62 -13.20
C ALA A 133 15.29 -3.53 -14.31
N ASP A 134 15.83 -2.97 -15.39
CA ASP A 134 16.37 -3.80 -16.47
C ASP A 134 17.55 -4.63 -15.97
N ALA A 135 18.42 -4.03 -15.16
CA ALA A 135 19.57 -4.77 -14.65
C ALA A 135 19.14 -5.94 -13.77
N LYS A 136 18.13 -5.73 -12.93
CA LYS A 136 17.64 -6.81 -12.08
C LYS A 136 17.08 -7.96 -12.91
N VAL A 137 16.25 -7.65 -13.90
CA VAL A 137 15.67 -8.69 -14.74
C VAL A 137 16.76 -9.46 -15.48
N ASP A 138 17.75 -8.75 -16.00
CA ASP A 138 18.87 -9.43 -16.64
C ASP A 138 19.61 -10.33 -15.65
N GLU A 139 19.79 -9.85 -14.42
CA GLU A 139 20.45 -10.65 -13.41
C GLU A 139 19.62 -11.90 -13.06
N LEU A 140 18.30 -11.73 -12.94
CA LEU A 140 17.45 -12.86 -12.57
C LEU A 140 17.39 -13.89 -13.69
N LEU A 141 17.46 -13.45 -14.95
CA LEU A 141 17.43 -14.39 -16.06
C LEU A 141 18.70 -15.24 -16.10
N GLN A 142 19.81 -14.73 -15.55
CA GLN A 142 21.03 -15.52 -15.49
C GLN A 142 20.91 -16.66 -14.47
N ARG A 143 20.05 -16.49 -13.46
CA ARG A 143 19.82 -17.53 -12.48
C ARG A 143 18.67 -18.46 -12.84
N GLY A 144 17.74 -18.00 -13.68
CA GLY A 144 16.64 -18.84 -14.12
C GLY A 144 15.56 -19.01 -13.05
N CYS A 145 15.83 -19.88 -12.08
CA CYS A 145 14.87 -20.17 -11.01
C CYS A 145 15.17 -19.26 -9.83
N ILE A 146 14.24 -18.35 -9.55
CA ILE A 146 14.42 -17.34 -8.51
C ILE A 146 13.14 -17.26 -7.68
N ASP A 147 13.23 -16.52 -6.58
CA ASP A 147 12.09 -16.21 -5.73
C ASP A 147 11.60 -14.81 -6.08
N ALA A 148 10.44 -14.72 -6.72
CA ALA A 148 9.92 -13.45 -7.20
C ALA A 148 9.68 -12.44 -6.08
N ILE A 149 9.67 -12.89 -4.82
CA ILE A 149 9.49 -11.98 -3.70
C ILE A 149 10.86 -11.46 -3.27
N ALA A 150 11.67 -12.34 -2.69
CA ALA A 150 12.97 -11.92 -2.15
C ALA A 150 13.87 -11.34 -3.24
N ASP A 151 13.92 -12.00 -4.39
CA ASP A 151 14.87 -11.64 -5.44
C ASP A 151 14.34 -10.59 -6.41
N LEU A 152 13.06 -10.24 -6.33
CA LEU A 152 12.49 -9.29 -7.28
C LEU A 152 11.59 -8.29 -6.56
N ALA A 153 10.49 -8.76 -5.98
CA ALA A 153 9.55 -7.86 -5.32
C ALA A 153 10.24 -7.06 -4.22
N GLU A 154 11.11 -7.70 -3.45
CA GLU A 154 11.85 -7.00 -2.39
C GLU A 154 13.16 -6.42 -2.91
N ALA A 155 13.87 -7.16 -3.76
CA ALA A 155 15.21 -6.74 -4.17
C ALA A 155 15.18 -5.44 -4.95
N TYR A 156 14.25 -5.30 -5.91
CA TYR A 156 14.25 -4.10 -6.73
C TYR A 156 13.91 -2.85 -5.94
N PRO A 157 12.79 -2.79 -5.22
CA PRO A 157 12.48 -1.56 -4.46
C PRO A 157 13.59 -1.19 -3.47
N LEU A 158 14.27 -2.18 -2.91
CA LEU A 158 15.38 -1.89 -2.00
C LEU A 158 16.56 -1.29 -2.74
N SER A 159 16.69 -1.58 -4.04
CA SER A 159 17.82 -1.06 -4.81
C SER A 159 17.60 0.36 -5.32
N VAL A 160 16.39 0.90 -5.20
CA VAL A 160 16.10 2.21 -5.76
C VAL A 160 15.51 3.14 -4.71
N PHE A 161 14.58 2.65 -3.89
CA PHE A 161 13.87 3.55 -2.99
C PHE A 161 14.74 4.08 -1.87
N PRO A 162 15.43 3.25 -1.08
CA PRO A 162 16.30 3.81 -0.03
C PRO A 162 17.32 4.81 -0.56
N ASP A 163 17.85 4.57 -1.78
CA ASP A 163 18.75 5.55 -2.39
C ASP A 163 18.00 6.80 -2.79
N ALA A 164 16.78 6.66 -3.31
CA ALA A 164 15.98 7.83 -3.65
C ALA A 164 15.62 8.64 -2.42
N MET A 165 15.51 7.98 -1.26
CA MET A 165 15.28 8.69 -0.01
C MET A 165 16.52 9.44 0.47
N GLY A 166 17.70 9.10 -0.06
CA GLY A 166 18.92 9.66 0.45
C GLY A 166 19.43 9.00 1.72
N LEU A 167 19.08 7.73 1.93
CA LEU A 167 19.48 7.02 3.13
C LEU A 167 20.89 6.47 2.98
N LYS A 168 21.60 6.41 4.11
CA LYS A 168 22.90 5.77 4.13
C LYS A 168 22.74 4.26 3.95
N GLN A 169 23.86 3.58 3.70
CA GLN A 169 23.82 2.14 3.52
C GLN A 169 23.59 1.42 4.85
N GLU A 170 24.13 1.96 5.94
CA GLU A 170 24.08 1.29 7.22
C GLU A 170 22.65 1.18 7.73
N GLY A 171 22.25 -0.03 8.12
CA GLY A 171 21.01 -0.26 8.84
C GLY A 171 19.77 -0.43 8.00
N ARG A 172 19.89 -0.52 6.67
CA ARG A 172 18.70 -0.64 5.84
C ARG A 172 17.90 -1.90 6.13
N GLU A 173 18.50 -2.89 6.81
CA GLU A 173 17.76 -4.10 7.16
C GLU A 173 16.57 -3.79 8.06
N HIS A 174 16.56 -2.63 8.71
CA HIS A 174 15.45 -2.23 9.57
C HIS A 174 14.24 -1.73 8.79
N LEU A 175 14.37 -1.49 7.49
CA LEU A 175 13.31 -0.80 6.75
C LEU A 175 12.08 -1.68 6.60
N LEU A 176 12.24 -2.87 6.01
CA LEU A 176 11.10 -3.77 5.85
C LEU A 176 10.49 -4.18 7.18
N PRO A 177 11.26 -4.55 8.20
CA PRO A 177 10.63 -4.84 9.51
C PRO A 177 9.85 -3.67 10.06
N TYR A 178 10.32 -2.44 9.87
CA TYR A 178 9.58 -1.28 10.36
C TYR A 178 8.28 -1.09 9.61
N ALA A 179 8.32 -1.23 8.28
CA ALA A 179 7.10 -1.07 7.48
C ALA A 179 6.05 -2.10 7.88
N GLY A 180 6.45 -3.36 8.00
CA GLY A 180 5.51 -4.39 8.43
C GLY A 180 4.93 -4.11 9.80
N LEU A 181 5.75 -3.56 10.70
CA LEU A 181 5.24 -3.13 12.00
C LEU A 181 4.14 -2.09 11.83
N VAL A 182 4.42 -1.05 11.05
CA VAL A 182 3.46 0.04 10.86
C VAL A 182 2.09 -0.51 10.49
N PHE A 183 2.04 -1.37 9.48
CA PHE A 183 0.76 -1.83 8.97
C PHE A 183 0.12 -2.87 9.89
N ASN A 184 0.92 -3.71 10.54
CA ASN A 184 0.37 -4.59 11.57
C ASN A 184 -0.30 -3.80 12.68
N ALA A 185 0.24 -2.62 13.00
CA ALA A 185 -0.29 -1.78 14.07
C ALA A 185 -1.60 -1.10 13.70
N PHE A 186 -1.96 -1.06 12.42
CA PHE A 186 -3.30 -0.62 12.04
C PHE A 186 -4.36 -1.63 12.43
N GLY A 187 -3.98 -2.85 12.79
CA GLY A 187 -4.92 -3.89 13.11
C GLY A 187 -5.25 -3.94 14.59
N PRO A 188 -6.11 -4.89 14.97
CA PRO A 188 -6.50 -5.01 16.38
C PRO A 188 -5.35 -5.52 17.22
N PRO A 189 -5.50 -5.51 18.55
CA PRO A 189 -4.43 -6.02 19.42
C PRO A 189 -4.37 -7.55 19.45
N ASN A 190 -4.12 -8.15 18.28
CA ASN A 190 -3.94 -9.58 18.15
C ASN A 190 -2.45 -9.92 18.20
N GLU A 191 -2.14 -11.20 17.99
CA GLU A 191 -0.75 -11.64 18.06
C GLU A 191 0.13 -10.88 17.07
N LEU A 192 -0.35 -10.72 15.83
CA LEU A 192 0.44 -10.02 14.82
C LEU A 192 0.83 -8.63 15.28
N ARG A 193 -0.10 -7.91 15.91
CA ARG A 193 0.20 -6.54 16.33
C ARG A 193 1.10 -6.53 17.56
N GLN A 194 0.75 -7.31 18.59
CA GLN A 194 1.51 -7.31 19.82
C GLN A 194 2.95 -7.75 19.58
N THR A 195 3.14 -8.78 18.76
CA THR A 195 4.49 -9.26 18.48
C THR A 195 5.31 -8.23 17.72
N ALA A 196 4.69 -7.55 16.75
CA ALA A 196 5.40 -6.54 15.99
C ALA A 196 5.87 -5.40 16.90
N ILE A 197 4.96 -4.86 17.72
CA ILE A 197 5.32 -3.77 18.61
C ILE A 197 6.35 -4.23 19.64
N GLU A 198 6.29 -5.50 20.04
CA GLU A 198 7.26 -6.02 21.00
C GLU A 198 8.68 -5.91 20.47
N ARG A 199 8.89 -6.34 19.21
CA ARG A 199 10.21 -6.39 18.61
C ARG A 199 10.61 -5.08 17.93
N SER A 200 9.94 -3.98 18.25
CA SER A 200 9.99 -2.78 17.42
C SER A 200 11.10 -1.80 17.79
N ALA A 201 11.48 -1.72 19.07
CA ALA A 201 12.40 -0.68 19.52
C ALA A 201 13.59 -0.44 18.61
N PRO A 202 14.38 -1.45 18.20
CA PRO A 202 15.52 -1.18 17.33
C PRO A 202 15.13 -0.56 16.00
N HIS A 203 13.96 -0.90 15.46
CA HIS A 203 13.55 -0.34 14.17
C HIS A 203 13.15 1.12 14.30
N GLN A 204 12.43 1.46 15.39
CA GLN A 204 12.07 2.85 15.61
C GLN A 204 13.31 3.73 15.73
N ALA A 205 14.29 3.28 16.53
CA ALA A 205 15.50 4.06 16.74
C ALA A 205 16.21 4.33 15.41
N TYR A 206 16.36 3.30 14.57
CA TYR A 206 17.00 3.50 13.28
C TYR A 206 16.20 4.49 12.42
N VAL A 207 14.90 4.24 12.26
CA VAL A 207 14.09 5.06 11.39
C VAL A 207 14.10 6.51 11.86
N ASN A 208 13.83 6.73 13.14
CA ASN A 208 13.78 8.10 13.65
C ASN A 208 15.12 8.81 13.45
N GLU A 209 16.22 8.09 13.62
CA GLU A 209 17.53 8.72 13.48
C GLU A 209 17.79 9.15 12.03
N GLN A 210 17.42 8.31 11.07
CA GLN A 210 17.63 8.66 9.67
C GLN A 210 16.72 9.79 9.21
N CYS A 211 15.70 10.14 9.99
CA CYS A 211 14.81 11.24 9.63
C CYS A 211 15.42 12.61 9.90
N GLN A 212 16.54 12.67 10.63
CA GLN A 212 17.19 13.94 10.91
C GLN A 212 17.95 14.44 9.68
N ARG A 213 17.85 15.74 9.43
CA ARG A 213 18.43 16.34 8.22
C ARG A 213 19.88 15.93 7.96
N PRO A 214 20.78 15.93 8.95
CA PRO A 214 22.18 15.59 8.65
C PRO A 214 22.37 14.20 8.08
N ASN A 215 21.41 13.30 8.25
CA ASN A 215 21.55 11.91 7.85
C ASN A 215 20.95 11.60 6.48
N LEU A 216 20.43 12.61 5.78
CA LEU A 216 19.77 12.43 4.50
C LEU A 216 20.62 13.04 3.40
N ALA A 217 20.99 12.23 2.41
CA ALA A 217 21.88 12.69 1.36
C ALA A 217 21.23 13.79 0.53
N PRO A 218 22.00 14.78 0.08
CA PRO A 218 21.41 15.87 -0.70
C PRO A 218 20.78 15.36 -1.98
N GLY A 219 19.72 16.03 -2.42
CA GLY A 219 18.99 15.65 -3.60
C GLY A 219 17.99 14.52 -3.43
N GLY A 220 17.95 13.89 -2.25
CA GLY A 220 17.01 12.81 -2.02
C GLY A 220 15.67 13.30 -1.52
N PHE A 221 14.72 12.36 -1.42
CA PHE A 221 13.39 12.70 -0.94
C PHE A 221 13.45 13.32 0.45
N GLY A 222 14.23 12.72 1.35
CA GLY A 222 14.30 13.24 2.71
C GLY A 222 14.85 14.65 2.75
N ALA A 223 15.98 14.88 2.08
CA ALA A 223 16.56 16.21 2.05
C ALA A 223 15.62 17.23 1.43
N CYS A 224 14.84 16.82 0.43
CA CYS A 224 13.87 17.73 -0.17
CA CYS A 224 13.87 17.73 -0.17
C CYS A 224 12.76 18.08 0.80
N ILE A 225 12.40 17.16 1.69
CA ILE A 225 11.38 17.45 2.70
C ILE A 225 11.87 18.53 3.65
N HIS A 226 13.09 18.36 4.17
CA HIS A 226 13.67 19.37 5.04
C HIS A 226 13.82 20.71 4.31
N ALA A 227 14.10 20.68 3.02
CA ALA A 227 14.27 21.91 2.26
C ALA A 227 12.99 22.72 2.17
N PHE A 228 11.82 22.08 2.33
CA PHE A 228 10.55 22.79 2.30
C PHE A 228 10.21 23.45 3.62
N THR A 229 11.10 23.39 4.62
CA THR A 229 10.84 24.06 5.88
C THR A 229 11.01 25.58 5.78
N ASP A 230 11.48 26.09 4.64
CA ASP A 230 11.66 27.52 4.44
C ASP A 230 10.39 28.24 4.02
N THR A 231 9.42 27.53 3.47
CA THR A 231 8.33 28.16 2.73
C THR A 231 7.17 28.59 3.60
N GLY A 232 7.09 28.12 4.85
CA GLY A 232 5.93 28.34 5.67
C GLY A 232 4.87 27.26 5.58
N GLU A 233 5.12 26.21 4.79
CA GLU A 233 4.18 25.10 4.71
C GLU A 233 4.40 24.10 5.84
N ILE A 234 5.65 23.81 6.18
CA ILE A 234 5.99 23.02 7.35
C ILE A 234 7.16 23.68 8.06
N THR A 235 7.21 23.51 9.37
CA THR A 235 8.34 24.00 10.14
C THR A 235 9.42 22.93 10.24
N PRO A 236 10.64 23.31 10.57
CA PRO A 236 11.72 22.31 10.68
C PRO A 236 11.38 21.13 11.57
N ASP A 237 10.69 21.36 12.69
CA ASP A 237 10.38 20.24 13.58
C ASP A 237 9.35 19.29 13.02
N GLU A 238 8.67 19.66 11.92
CA GLU A 238 7.74 18.76 11.26
C GLU A 238 8.41 17.88 10.20
N ALA A 239 9.57 18.29 9.70
CA ALA A 239 10.20 17.54 8.62
C ALA A 239 10.53 16.10 9.00
N PRO A 240 11.15 15.82 10.15
CA PRO A 240 11.48 14.42 10.47
C PRO A 240 10.28 13.49 10.38
N LEU A 241 9.14 13.88 10.95
CA LEU A 241 7.97 13.01 10.89
C LEU A 241 7.49 12.78 9.46
N LEU A 242 7.68 13.76 8.58
CA LEU A 242 7.28 13.59 7.19
C LEU A 242 8.23 12.68 6.44
N VAL A 243 9.52 12.70 6.78
CA VAL A 243 10.44 11.70 6.26
C VAL A 243 10.05 10.33 6.78
N ARG A 244 9.69 10.26 8.07
CA ARG A 244 9.17 9.03 8.64
C ARG A 244 7.98 8.49 7.85
N SER A 245 7.14 9.39 7.32
CA SER A 245 5.99 8.97 6.55
C SER A 245 6.41 8.21 5.28
N LEU A 246 7.45 8.71 4.60
CA LEU A 246 7.88 8.05 3.37
C LEU A 246 8.54 6.71 3.65
N LEU A 247 9.29 6.61 4.76
CA LEU A 247 9.91 5.35 5.13
C LEU A 247 8.88 4.34 5.66
N SER A 248 7.71 4.82 6.08
CA SER A 248 6.66 3.94 6.55
C SER A 248 5.75 3.46 5.43
N ALA A 249 5.54 4.29 4.40
CA ALA A 249 4.50 4.05 3.42
C ALA A 249 5.00 3.66 2.03
N GLY A 250 6.28 3.85 1.73
CA GLY A 250 6.73 3.76 0.36
C GLY A 250 7.51 2.53 -0.05
N LEU A 251 7.83 1.65 0.90
CA LEU A 251 8.64 0.47 0.61
C LEU A 251 7.78 -0.80 0.61
N ASP A 252 7.26 -1.19 1.77
CA ASP A 252 6.54 -2.45 1.87
C ASP A 252 5.35 -2.51 0.93
N THR A 253 4.68 -1.39 0.70
CA THR A 253 3.53 -1.36 -0.19
C THR A 253 3.93 -1.69 -1.63
N THR A 254 4.98 -1.02 -2.12
CA THR A 254 5.45 -1.29 -3.48
C THR A 254 5.96 -2.72 -3.62
N VAL A 255 6.57 -3.26 -2.57
CA VAL A 255 7.03 -4.64 -2.61
C VAL A 255 5.87 -5.58 -2.90
N ASN A 256 4.79 -5.44 -2.12
CA ASN A 256 3.62 -6.29 -2.35
C ASN A 256 2.95 -5.98 -3.68
N GLY A 257 2.96 -4.71 -4.10
CA GLY A 257 2.39 -4.38 -5.40
C GLY A 257 3.12 -5.06 -6.54
N ILE A 258 4.45 -5.01 -6.52
CA ILE A 258 5.24 -5.64 -7.58
C ILE A 258 5.09 -7.15 -7.52
N GLY A 259 5.08 -7.73 -6.32
CA GLY A 259 4.86 -9.15 -6.20
C GLY A 259 3.51 -9.58 -6.73
N ALA A 260 2.47 -8.80 -6.44
CA ALA A 260 1.14 -9.08 -6.98
C ALA A 260 1.17 -9.09 -8.51
N ALA A 261 1.85 -8.11 -9.11
CA ALA A 261 1.93 -8.03 -10.56
C ALA A 261 2.57 -9.29 -11.15
N VAL A 262 3.73 -9.67 -10.62
CA VAL A 262 4.38 -10.89 -11.09
C VAL A 262 3.49 -12.10 -10.84
N TYR A 263 2.83 -12.13 -9.67
CA TYR A 263 1.92 -13.21 -9.35
C TYR A 263 0.82 -13.32 -10.40
N CYS A 264 0.20 -12.18 -10.75
CA CYS A 264 -0.84 -12.18 -11.77
C CYS A 264 -0.30 -12.66 -13.11
N LEU A 265 0.86 -12.14 -13.51
CA LEU A 265 1.46 -12.57 -14.79
C LEU A 265 1.80 -14.04 -14.77
N ALA A 266 2.11 -14.60 -13.60
CA ALA A 266 2.41 -16.03 -13.52
C ALA A 266 1.15 -16.88 -13.59
N ARG A 267 0.03 -16.37 -13.09
CA ARG A 267 -1.23 -17.11 -13.13
C ARG A 267 -2.03 -16.86 -14.41
N PHE A 268 -1.82 -15.73 -15.08
CA PHE A 268 -2.53 -15.38 -16.31
C PHE A 268 -1.51 -15.26 -17.44
N PRO A 269 -1.05 -16.39 -17.98
CA PRO A 269 -0.05 -16.32 -19.06
C PRO A 269 -0.53 -15.56 -20.27
N GLY A 270 -1.83 -15.60 -20.56
CA GLY A 270 -2.35 -14.83 -21.67
C GLY A 270 -2.09 -13.33 -21.54
N GLU A 271 -2.13 -12.83 -20.31
CA GLU A 271 -1.88 -11.40 -20.09
C GLU A 271 -0.39 -11.08 -20.20
N LEU A 272 0.48 -11.98 -19.76
CA LEU A 272 1.91 -11.80 -20.00
C LEU A 272 2.20 -11.70 -21.49
N GLN A 273 1.57 -12.58 -22.29
CA GLN A 273 1.78 -12.56 -23.72
CA GLN A 273 1.79 -12.56 -23.72
C GLN A 273 1.29 -11.27 -24.34
N ARG A 274 0.17 -10.73 -23.84
CA ARG A 274 -0.29 -9.43 -24.32
C ARG A 274 0.68 -8.33 -23.93
N LEU A 275 1.19 -8.38 -22.70
CA LEU A 275 2.14 -7.37 -22.26
C LEU A 275 3.42 -7.41 -23.09
N ARG A 276 3.93 -8.61 -23.37
CA ARG A 276 5.10 -8.73 -24.24
C ARG A 276 4.84 -8.06 -25.58
N SER A 277 3.69 -8.33 -26.19
CA SER A 277 3.39 -7.80 -27.51
C SER A 277 3.25 -6.28 -27.53
N ASP A 278 3.01 -5.66 -26.36
CA ASP A 278 2.93 -4.20 -26.26
C ASP A 278 3.42 -3.77 -24.90
N PRO A 279 4.74 -3.61 -24.73
CA PRO A 279 5.27 -3.20 -23.42
C PRO A 279 4.72 -1.87 -22.92
N THR A 280 4.11 -1.05 -23.78
CA THR A 280 3.52 0.19 -23.30
C THR A 280 2.34 -0.05 -22.38
N LEU A 281 1.81 -1.27 -22.33
CA LEU A 281 0.78 -1.65 -21.37
C LEU A 281 1.34 -1.88 -19.97
N ALA A 282 2.66 -1.74 -19.79
CA ALA A 282 3.27 -2.04 -18.50
C ALA A 282 2.63 -1.25 -17.37
N ARG A 283 2.38 0.05 -17.59
CA ARG A 283 1.87 0.89 -16.52
C ARG A 283 0.45 0.47 -16.13
N ASN A 284 -0.40 0.15 -17.11
CA ASN A 284 -1.75 -0.29 -16.79
C ASN A 284 -1.77 -1.70 -16.26
N ALA A 285 -0.84 -2.55 -16.70
CA ALA A 285 -0.72 -3.88 -16.14
C ALA A 285 -0.45 -3.82 -14.65
N PHE A 286 0.40 -2.88 -14.23
CA PHE A 286 0.67 -2.71 -12.80
C PHE A 286 -0.55 -2.12 -12.08
N GLU A 287 -1.17 -1.10 -12.68
CA GLU A 287 -2.38 -0.53 -12.08
C GLU A 287 -3.45 -1.59 -11.87
N GLU A 288 -3.65 -2.45 -12.88
CA GLU A 288 -4.62 -3.54 -12.74
C GLU A 288 -4.21 -4.49 -11.62
N ALA A 289 -2.91 -4.74 -11.48
CA ALA A 289 -2.45 -5.60 -10.39
C ALA A 289 -2.75 -4.98 -9.03
N VAL A 290 -2.67 -3.65 -8.93
CA VAL A 290 -3.00 -2.99 -7.67
C VAL A 290 -4.47 -3.17 -7.35
N ARG A 291 -5.33 -3.07 -8.36
CA ARG A 291 -6.76 -3.33 -8.14
C ARG A 291 -7.00 -4.79 -7.82
N PHE A 292 -6.37 -5.69 -8.57
CA PHE A 292 -6.67 -7.11 -8.47
C PHE A 292 -6.26 -7.68 -7.12
N GLU A 293 -5.05 -7.36 -6.69
CA GLU A 293 -4.52 -7.83 -5.38
C GLU A 293 -4.02 -6.59 -4.62
N SER A 294 -4.93 -5.66 -4.36
CA SER A 294 -4.56 -4.39 -3.69
C SER A 294 -3.66 -4.68 -2.48
N PRO A 295 -2.45 -4.14 -2.47
CA PRO A 295 -1.51 -4.37 -1.37
C PRO A 295 -2.03 -3.97 0.00
N VAL A 296 -2.88 -2.95 0.07
CA VAL A 296 -3.51 -2.52 1.31
C VAL A 296 -4.96 -2.97 1.28
N GLN A 297 -5.30 -3.97 2.09
CA GLN A 297 -6.61 -4.60 2.00
C GLN A 297 -7.67 -3.84 2.78
N THR A 298 -7.31 -3.27 3.94
CA THR A 298 -8.29 -2.64 4.81
C THR A 298 -7.62 -1.56 5.64
N PHE A 299 -8.38 -0.52 5.97
CA PHE A 299 -8.01 0.43 7.02
C PHE A 299 -9.27 1.17 7.46
N PHE A 300 -9.12 2.01 8.49
CA PHE A 300 -10.25 2.53 9.26
C PHE A 300 -10.46 4.01 9.05
N ARG A 301 -11.68 4.45 9.38
CA ARG A 301 -12.02 5.83 9.66
C ARG A 301 -12.81 5.86 10.96
N THR A 302 -12.90 7.04 11.58
CA THR A 302 -13.67 7.23 12.80
C THR A 302 -14.72 8.31 12.56
N THR A 303 -15.97 8.00 12.87
CA THR A 303 -17.04 8.96 12.69
C THR A 303 -16.91 10.10 13.71
N THR A 304 -17.09 11.32 13.23
CA THR A 304 -17.09 12.50 14.08
C THR A 304 -18.50 12.93 14.47
N ARG A 305 -19.52 12.22 13.98
CA ARG A 305 -20.90 12.56 14.28
C ARG A 305 -21.77 11.36 13.92
N GLU A 306 -23.04 11.42 14.33
CA GLU A 306 -24.02 10.47 13.85
C GLU A 306 -24.23 10.68 12.35
N VAL A 307 -24.15 9.60 11.58
CA VAL A 307 -24.19 9.69 10.12
C VAL A 307 -25.01 8.54 9.58
N GLU A 308 -25.80 8.81 8.55
CA GLU A 308 -26.53 7.78 7.82
C GLU A 308 -25.67 7.29 6.66
N LEU A 309 -25.38 6.00 6.63
CA LEU A 309 -24.57 5.40 5.58
C LEU A 309 -25.28 4.15 5.07
N GLY A 310 -25.78 4.21 3.84
CA GLY A 310 -26.49 3.09 3.26
C GLY A 310 -27.65 2.61 4.11
N GLY A 311 -28.50 3.55 4.55
CA GLY A 311 -29.68 3.22 5.32
C GLY A 311 -29.43 2.91 6.78
N ALA A 312 -28.18 2.78 7.20
CA ALA A 312 -27.85 2.51 8.59
C ALA A 312 -27.35 3.78 9.27
N VAL A 313 -27.76 3.98 10.52
CA VAL A 313 -27.33 5.12 11.31
C VAL A 313 -26.13 4.69 12.15
N ILE A 314 -25.01 5.38 11.97
CA ILE A 314 -23.78 5.10 12.72
C ILE A 314 -23.55 6.24 13.69
N GLY A 315 -23.36 5.91 14.96
CA GLY A 315 -23.16 6.91 15.98
C GLY A 315 -21.81 7.59 15.86
N GLU A 316 -21.62 8.60 16.71
CA GLU A 316 -20.38 9.34 16.75
C GLU A 316 -19.28 8.50 17.40
N GLY A 317 -18.04 8.79 17.01
CA GLY A 317 -16.90 8.11 17.61
C GLY A 317 -16.85 6.62 17.36
N GLU A 318 -17.35 6.17 16.22
CA GLU A 318 -17.38 4.75 15.88
C GLU A 318 -16.36 4.47 14.77
N LYS A 319 -15.63 3.37 14.92
CA LYS A 319 -14.67 2.95 13.91
C LYS A 319 -15.39 2.30 12.74
N VAL A 320 -14.99 2.66 11.53
CA VAL A 320 -15.55 2.11 10.29
C VAL A 320 -14.44 1.45 9.52
N LEU A 321 -14.55 0.14 9.31
CA LEU A 321 -13.55 -0.63 8.58
C LEU A 321 -13.92 -0.67 7.10
N MET A 322 -13.02 -0.19 6.25
CA MET A 322 -13.19 -0.23 4.81
C MET A 322 -12.43 -1.41 4.23
N PHE A 323 -13.08 -2.14 3.32
CA PHE A 323 -12.46 -3.28 2.65
C PHE A 323 -12.09 -2.84 1.24
N LEU A 324 -10.88 -2.28 1.12
CA LEU A 324 -10.44 -1.72 -0.16
C LEU A 324 -10.36 -2.79 -1.24
N GLY A 325 -9.73 -3.92 -0.93
CA GLY A 325 -9.66 -5.00 -1.91
C GLY A 325 -11.03 -5.49 -2.34
N SER A 326 -11.96 -5.62 -1.37
CA SER A 326 -13.31 -6.01 -1.71
C SER A 326 -13.96 -5.00 -2.64
N ALA A 327 -13.81 -3.71 -2.33
CA ALA A 327 -14.38 -2.67 -3.18
C ALA A 327 -13.80 -2.72 -4.59
N ASN A 328 -12.56 -3.21 -4.74
CA ASN A 328 -11.95 -3.34 -6.05
C ASN A 328 -12.40 -4.60 -6.79
N ARG A 329 -13.18 -5.48 -6.15
CA ARG A 329 -13.73 -6.66 -6.79
C ARG A 329 -15.26 -6.69 -6.71
N ASP A 330 -15.88 -5.57 -6.36
CA ASP A 330 -17.33 -5.47 -6.24
C ASP A 330 -17.98 -5.60 -7.61
N PRO A 331 -18.73 -6.66 -7.90
CA PRO A 331 -19.38 -6.78 -9.21
C PRO A 331 -20.41 -5.68 -9.48
N ARG A 332 -20.85 -4.97 -8.43
CA ARG A 332 -21.71 -3.81 -8.64
C ARG A 332 -20.98 -2.69 -9.35
N ARG A 333 -19.66 -2.70 -9.35
CA ARG A 333 -18.83 -1.67 -9.95
C ARG A 333 -18.00 -2.17 -11.12
N TRP A 334 -17.49 -3.40 -11.06
CA TRP A 334 -16.57 -3.91 -12.05
C TRP A 334 -17.18 -5.06 -12.85
N SER A 335 -16.89 -5.08 -14.15
CA SER A 335 -17.19 -6.24 -14.97
C SER A 335 -16.09 -7.27 -14.80
N ASP A 336 -16.47 -8.52 -14.57
CA ASP A 336 -15.52 -9.61 -14.34
C ASP A 336 -14.44 -9.19 -13.34
N PRO A 337 -14.83 -8.81 -12.12
CA PRO A 337 -13.85 -8.28 -11.16
C PRO A 337 -12.77 -9.29 -10.80
N ASP A 338 -13.03 -10.59 -10.91
CA ASP A 338 -12.07 -11.61 -10.54
C ASP A 338 -11.12 -11.97 -11.67
N LEU A 339 -11.13 -11.22 -12.76
CA LEU A 339 -10.23 -11.45 -13.89
C LEU A 339 -9.16 -10.36 -13.92
N TYR A 340 -7.92 -10.78 -14.10
CA TYR A 340 -6.81 -9.85 -14.28
C TYR A 340 -6.75 -9.47 -15.76
N ASP A 341 -7.03 -8.20 -16.06
CA ASP A 341 -7.13 -7.71 -17.43
C ASP A 341 -6.27 -6.45 -17.55
N ILE A 342 -5.14 -6.55 -18.24
CA ILE A 342 -4.21 -5.42 -18.32
C ILE A 342 -4.69 -4.31 -19.23
N THR A 343 -5.77 -4.52 -19.98
CA THR A 343 -6.37 -3.47 -20.79
C THR A 343 -7.65 -2.92 -20.16
N ARG A 344 -7.99 -3.37 -18.94
CA ARG A 344 -9.16 -2.86 -18.25
C ARG A 344 -8.99 -1.38 -17.93
N LYS A 345 -10.09 -0.63 -18.01
CA LYS A 345 -10.12 0.75 -17.56
C LYS A 345 -10.18 0.74 -16.04
N THR A 346 -9.03 0.91 -15.39
CA THR A 346 -8.91 0.78 -13.95
C THR A 346 -9.21 2.07 -13.20
N SER A 347 -9.44 3.18 -13.93
N SER A 347 -9.44 3.18 -13.92
CA SER A 347 -9.72 4.45 -13.25
CA SER A 347 -9.70 4.45 -13.25
C SER A 347 -10.91 4.29 -12.32
C SER A 347 -10.90 4.32 -12.32
N GLY A 348 -10.70 4.66 -11.06
CA GLY A 348 -11.73 4.56 -10.04
C GLY A 348 -11.44 3.53 -8.96
N HIS A 349 -10.50 2.62 -9.20
CA HIS A 349 -10.14 1.67 -8.16
C HIS A 349 -9.59 2.41 -6.95
N VAL A 350 -9.70 1.79 -5.79
CA VAL A 350 -9.32 2.41 -4.52
C VAL A 350 -8.06 1.78 -3.95
N GLY A 351 -7.25 1.13 -4.78
CA GLY A 351 -6.02 0.54 -4.30
C GLY A 351 -5.05 1.57 -3.74
N PHE A 352 -5.15 2.82 -4.21
CA PHE A 352 -4.36 3.92 -3.68
C PHE A 352 -5.18 4.85 -2.79
N GLY A 353 -6.39 4.43 -2.42
CA GLY A 353 -7.28 5.31 -1.69
C GLY A 353 -8.09 6.20 -2.61
N SER A 354 -8.66 7.24 -2.02
CA SER A 354 -9.47 8.19 -2.78
C SER A 354 -9.75 9.40 -1.90
N GLY A 355 -9.80 10.57 -2.54
CA GLY A 355 -10.06 11.80 -1.81
C GLY A 355 -8.80 12.53 -1.38
N VAL A 356 -8.88 13.24 -0.26
CA VAL A 356 -7.78 14.10 0.15
C VAL A 356 -6.55 13.31 0.57
N HIS A 357 -6.70 12.06 0.98
CA HIS A 357 -5.59 11.24 1.44
C HIS A 357 -5.06 10.28 0.39
N MET A 358 -5.63 10.27 -0.81
CA MET A 358 -5.19 9.35 -1.85
C MET A 358 -3.68 9.35 -1.96
N CYS A 359 -3.09 8.16 -1.91
CA CYS A 359 -1.65 7.96 -1.77
C CYS A 359 -0.84 9.05 -2.47
N VAL A 360 -0.16 9.88 -1.69
CA VAL A 360 0.63 10.97 -2.27
C VAL A 360 1.87 10.45 -2.95
N GLY A 361 2.27 9.20 -2.69
CA GLY A 361 3.43 8.61 -3.34
C GLY A 361 3.04 7.67 -4.48
N GLN A 362 1.85 7.86 -5.04
CA GLN A 362 1.36 6.95 -6.07
C GLN A 362 2.20 7.06 -7.34
N LEU A 363 2.81 8.23 -7.60
CA LEU A 363 3.65 8.35 -8.78
C LEU A 363 4.94 7.56 -8.65
N VAL A 364 5.49 7.48 -7.45
CA VAL A 364 6.65 6.62 -7.22
C VAL A 364 6.28 5.15 -7.38
N ALA A 365 5.15 4.75 -6.80
CA ALA A 365 4.70 3.37 -6.91
C ALA A 365 4.50 2.98 -8.37
N ARG A 366 3.82 3.83 -9.14
CA ARG A 366 3.55 3.52 -10.54
C ARG A 366 4.85 3.49 -11.36
N LEU A 367 5.81 4.35 -11.03
CA LEU A 367 7.08 4.34 -11.75
C LEU A 367 7.82 3.04 -11.53
N GLU A 368 7.93 2.60 -10.27
CA GLU A 368 8.60 1.34 -9.98
C GLU A 368 7.90 0.18 -10.68
N GLY A 369 6.58 0.12 -10.56
CA GLY A 369 5.84 -0.98 -11.17
C GLY A 369 5.95 -0.98 -12.69
N GLU A 370 5.81 0.18 -13.31
CA GLU A 370 5.89 0.26 -14.77
C GLU A 370 7.24 -0.22 -15.28
N VAL A 371 8.32 0.40 -14.80
CA VAL A 371 9.64 0.08 -15.33
C VAL A 371 10.01 -1.38 -15.08
N MET A 372 9.51 -1.97 -13.99
CA MET A 372 9.76 -3.39 -13.75
C MET A 372 8.97 -4.25 -14.73
N LEU A 373 7.66 -4.04 -14.82
CA LEU A 373 6.85 -4.79 -15.78
C LEU A 373 7.32 -4.54 -17.21
N SER A 374 7.85 -3.34 -17.49
CA SER A 374 8.42 -3.08 -18.81
C SER A 374 9.63 -3.97 -19.06
N ALA A 375 10.55 -4.03 -18.09
CA ALA A 375 11.71 -4.91 -18.22
C ALA A 375 11.28 -6.36 -18.45
N LEU A 376 10.30 -6.82 -17.68
CA LEU A 376 9.79 -8.18 -17.88
C LEU A 376 9.18 -8.33 -19.27
N ALA A 377 8.40 -7.35 -19.71
CA ALA A 377 7.74 -7.44 -21.01
C ALA A 377 8.75 -7.57 -22.14
N ARG A 378 9.91 -6.93 -22.02
CA ARG A 378 10.89 -6.91 -23.10
C ARG A 378 11.90 -8.04 -23.03
N LYS A 379 12.07 -8.67 -21.87
CA LYS A 379 13.15 -9.64 -21.67
C LYS A 379 12.69 -11.05 -21.33
N VAL A 380 11.44 -11.23 -20.89
CA VAL A 380 10.97 -12.52 -20.39
C VAL A 380 9.92 -13.08 -21.33
N ALA A 381 10.02 -14.37 -21.61
CA ALA A 381 9.06 -15.07 -22.45
C ALA A 381 8.00 -15.81 -21.65
N ALA A 382 8.35 -16.35 -20.49
CA ALA A 382 7.39 -17.08 -19.67
C ALA A 382 7.78 -16.97 -18.21
N ILE A 383 6.76 -17.00 -17.35
CA ILE A 383 6.94 -17.01 -15.90
C ILE A 383 6.11 -18.16 -15.37
N ASP A 384 6.78 -19.19 -14.86
CA ASP A 384 6.14 -20.42 -14.42
C ASP A 384 6.44 -20.66 -12.94
N ILE A 385 5.40 -20.86 -12.14
CA ILE A 385 5.57 -21.22 -10.74
C ILE A 385 6.15 -22.63 -10.67
N ASP A 386 7.27 -22.78 -9.98
CA ASP A 386 7.96 -24.07 -9.88
C ASP A 386 8.31 -24.37 -8.43
N GLY A 387 7.45 -23.99 -7.50
CA GLY A 387 7.69 -24.22 -6.10
C GLY A 387 6.53 -23.82 -5.21
N PRO A 388 6.58 -24.24 -3.95
CA PRO A 388 5.51 -23.89 -3.01
C PRO A 388 5.36 -22.39 -2.85
N VAL A 389 4.12 -21.91 -3.01
CA VAL A 389 3.81 -20.50 -2.83
C VAL A 389 3.42 -20.27 -1.38
N LYS A 390 4.10 -19.35 -0.71
CA LYS A 390 3.88 -19.06 0.69
C LYS A 390 3.37 -17.63 0.83
N ARG A 391 2.29 -17.47 1.59
CA ARG A 391 1.69 -16.15 1.81
C ARG A 391 2.32 -15.48 3.02
N ARG A 392 2.33 -14.15 2.98
CA ARG A 392 2.87 -13.32 4.05
C ARG A 392 1.70 -12.66 4.77
N PHE A 393 1.61 -12.86 6.08
CA PHE A 393 0.45 -12.46 6.85
C PHE A 393 0.71 -11.13 7.55
N ASN A 394 -0.26 -10.22 7.40
CA ASN A 394 -0.20 -8.88 7.97
C ASN A 394 -1.63 -8.42 8.21
N ASN A 395 -1.82 -7.57 9.22
CA ASN A 395 -3.17 -7.18 9.58
C ASN A 395 -3.83 -6.34 8.50
N THR A 396 -3.06 -5.59 7.71
CA THR A 396 -3.63 -4.72 6.69
C THR A 396 -3.00 -4.87 5.32
N LEU A 397 -1.83 -5.50 5.20
CA LEU A 397 -1.17 -5.70 3.92
C LEU A 397 -1.45 -7.10 3.39
N ARG A 398 -1.56 -7.20 2.07
CA ARG A 398 -1.73 -8.49 1.39
C ARG A 398 -0.56 -8.68 0.44
N GLY A 399 0.16 -9.79 0.60
CA GLY A 399 1.32 -10.07 -0.23
C GLY A 399 1.83 -11.46 0.07
N LEU A 400 2.79 -11.88 -0.75
CA LEU A 400 3.37 -13.21 -0.65
C LEU A 400 4.68 -13.18 0.11
N GLU A 401 4.98 -14.30 0.78
CA GLU A 401 6.28 -14.51 1.42
C GLU A 401 7.30 -15.08 0.44
N SER A 402 6.87 -15.97 -0.44
CA SER A 402 7.76 -16.59 -1.42
C SER A 402 6.97 -16.92 -2.68
N LEU A 403 7.57 -16.64 -3.83
CA LEU A 403 6.96 -16.93 -5.13
C LEU A 403 8.00 -17.57 -6.02
N PRO A 404 8.26 -18.87 -5.85
CA PRO A 404 9.23 -19.56 -6.70
C PRO A 404 8.75 -19.61 -8.14
N VAL A 405 9.54 -19.06 -9.04
CA VAL A 405 9.19 -19.00 -10.46
C VAL A 405 10.42 -19.31 -11.29
N LYS A 406 10.19 -19.86 -12.48
CA LYS A 406 11.22 -19.99 -13.51
C LYS A 406 10.97 -18.93 -14.56
N LEU A 407 12.01 -18.15 -14.87
CA LEU A 407 11.94 -17.12 -15.89
C LEU A 407 12.58 -17.63 -17.17
N THR A 408 11.82 -17.65 -18.26
CA THR A 408 12.33 -18.07 -19.54
C THR A 408 12.71 -16.84 -20.36
N PRO A 409 13.97 -16.69 -20.77
CA PRO A 409 14.35 -15.49 -21.52
C PRO A 409 13.61 -15.40 -22.84
N ALA A 410 13.30 -14.17 -23.25
CA ALA A 410 12.63 -13.93 -24.51
C ALA A 410 13.60 -14.10 -25.67
CHA HEM B . -1.52 6.93 1.45
CHB HEM B . -1.59 2.63 -0.79
CHC HEM B . 2.95 3.38 -2.35
CHD HEM B . 3.27 7.16 0.66
C1A HEM B . -1.98 5.75 0.91
C2A HEM B . -3.35 5.26 0.90
C3A HEM B . -3.36 4.08 0.28
C4A HEM B . -2.01 3.76 -0.13
CMA HEM B . -4.62 3.20 0.04
CAA HEM B . -4.59 5.99 1.48
CBA HEM B . -4.58 5.86 3.01
CGA HEM B . -5.78 6.58 3.58
O1A HEM B . -5.93 6.59 4.83
O2A HEM B . -6.58 7.14 2.79
C1B HEM B . -0.40 2.47 -1.46
C2B HEM B . -0.06 1.42 -2.41
C3B HEM B . 1.19 1.63 -2.84
C4B HEM B . 1.69 2.83 -2.17
CMB HEM B . -1.00 0.28 -2.83
CAB HEM B . 2.01 0.81 -3.85
CBB HEM B . 1.48 -0.23 -4.51
C1C HEM B . 3.43 4.49 -1.69
C2C HEM B . 4.72 5.10 -1.90
C3C HEM B . 4.82 6.16 -1.07
C4C HEM B . 3.58 6.23 -0.30
CMC HEM B . 5.79 4.62 -2.91
CAC HEM B . 6.01 7.13 -0.91
CBC HEM B . 7.09 7.06 -1.68
C1D HEM B . 2.00 7.44 1.14
C2D HEM B . 1.65 8.51 2.03
C3D HEM B . 0.33 8.44 2.25
C4D HEM B . -0.20 7.33 1.49
CMD HEM B . 2.61 9.55 2.65
CAD HEM B . -0.50 9.40 3.14
CBD HEM B . -1.19 10.39 2.22
CGD HEM B . -2.16 11.24 2.99
O1D HEM B . -2.53 12.33 2.49
O2D HEM B . -2.55 10.84 4.13
NA HEM B . -1.20 4.80 0.28
NB HEM B . 0.69 3.30 -1.35
NC HEM B . 2.77 5.19 -0.72
ND HEM B . 0.85 6.74 0.82
FE HEM B . 0.75 5.09 -0.33
C10 JO4 C . -1.48 3.44 5.61
C13 JO4 C . -3.15 2.74 3.52
C15 JO4 C . 0.74 6.19 4.65
O01 JO4 C . 2.42 9.02 7.36
C02 JO4 C . 2.76 7.82 7.52
O03 JO4 C . 3.58 7.42 8.38
C04 JO4 C . 2.11 6.76 6.60
C05 JO4 C . 2.26 5.39 6.83
C06 JO4 C . 1.68 4.43 6.00
C07 JO4 C . 0.91 4.83 4.90
O08 JO4 C . 0.32 3.88 4.08
C09 JO4 C . -0.98 3.48 4.31
C11 JO4 C . -2.79 3.06 5.87
C12 JO4 C . -3.63 2.71 4.83
C14 JO4 C . -1.83 3.12 3.25
C16 JO4 C . 1.33 7.13 5.49
H101 JO4 C . -0.92 3.68 6.33
H131 JO4 C . -3.71 2.50 2.82
H151 JO4 C . 0.23 6.46 3.93
H051 JO4 C . 2.78 5.12 7.55
H061 JO4 C . 1.80 3.52 6.17
H111 JO4 C . -3.11 3.05 6.74
H121 JO4 C . -4.51 2.45 4.99
H141 JO4 C . -1.52 3.14 2.38
H161 JO4 C . 1.22 8.04 5.32
CL CL D . 9.08 5.33 14.54
#